data_8QSF
#
_entry.id   8QSF
#
_cell.length_a   60.999
_cell.length_b   88.190
_cell.length_c   118.015
_cell.angle_alpha   90.00
_cell.angle_beta   90.00
_cell.angle_gamma   90.00
#
_symmetry.space_group_name_H-M   'P 2 21 21'
#
loop_
_entity.id
_entity.type
_entity.pdbx_description
1 polymer '14-3-3 protein sigma'
2 polymer 'BRAF peptide pS365'
3 non-polymer ~{N}-[[1-(4-bromophenyl)sulfonylpiperidin-4-yl]methyl]-2-chloranyl-ethanamide
4 non-polymer 'MAGNESIUM ION'
5 non-polymer 'CHLORIDE ION'
6 water water
#
loop_
_entity_poly.entity_id
_entity_poly.type
_entity_poly.pdbx_seq_one_letter_code
_entity_poly.pdbx_strand_id
1 'polypeptide(L)'
;GAMGSMERASLIQKAKLAEQAERYEDMAAFMKGAVEKGEELSCEERNLLSVAYKNVVGGQRAAWRVLSSIEQKSNEEGSE
EKGPEVREYREKVETELQGVCDTVLGLLDSHLIKEAGDAESRVFYLKMKGDYYRYLAEVATGDDKKRIIDSARSAYQEAM
DISKKEMPPTNPIRLGLALNFSVFHYEIANSPEEAISLAKTTFDEAMADLHTLSEDSYKDSTLIMQLLRDNLTLWT
;
A,J
2 'polypeptide(L)' DRSS(SEP)APNVH H,S
#
# COMPACT_ATOMS: atom_id res chain seq x y z
N GLY A 1 -3.23 -14.93 -19.61
CA GLY A 1 -4.45 -14.15 -19.50
C GLY A 1 -4.41 -12.88 -20.36
N ALA A 2 -4.51 -11.72 -19.69
CA ALA A 2 -4.52 -10.44 -20.36
C ALA A 2 -3.12 -10.00 -20.80
N MET A 3 -2.10 -10.24 -19.97
CA MET A 3 -0.76 -9.74 -20.22
C MET A 3 -0.24 -10.18 -21.59
N GLY A 4 -0.36 -11.50 -21.83
CA GLY A 4 0.13 -12.09 -23.07
C GLY A 4 -0.50 -11.51 -24.33
N SER A 5 -1.76 -11.07 -24.23
CA SER A 5 -2.46 -10.49 -25.37
C SER A 5 -2.22 -8.99 -25.59
N MET A 6 -1.54 -8.32 -24.64
CA MET A 6 -1.18 -6.94 -24.84
C MET A 6 0.14 -6.84 -25.59
N GLU A 7 0.29 -5.80 -26.41
CA GLU A 7 1.56 -5.50 -27.07
C GLU A 7 2.61 -5.05 -26.05
N ARG A 8 3.88 -5.32 -26.33
CA ARG A 8 4.95 -4.94 -25.42
C ARG A 8 4.93 -3.45 -25.08
N ALA A 9 4.73 -2.59 -26.10
CA ALA A 9 4.73 -1.16 -25.85
C ALA A 9 3.60 -0.76 -24.89
N SER A 10 2.44 -1.42 -25.03
CA SER A 10 1.32 -1.17 -24.13
C SER A 10 1.61 -1.61 -22.69
N LEU A 11 2.29 -2.76 -22.53
CA LEU A 11 2.68 -3.22 -21.20
C LEU A 11 3.63 -2.26 -20.52
N ILE A 12 4.61 -1.73 -21.27
CA ILE A 12 5.54 -0.75 -20.72
C ILE A 12 4.80 0.53 -20.31
N GLN A 13 3.89 1.00 -21.17
CA GLN A 13 3.14 2.22 -20.89
C GLN A 13 2.31 2.03 -19.62
N LYS A 14 1.65 0.88 -19.50
CA LYS A 14 0.84 0.60 -18.32
C LYS A 14 1.69 0.46 -17.05
N ALA A 15 2.90 -0.11 -17.15
CA ALA A 15 3.80 -0.13 -16.02
C ALA A 15 4.11 1.29 -15.52
N LYS A 16 4.35 2.22 -16.46
CA LYS A 16 4.63 3.60 -16.10
C LYS A 16 3.42 4.30 -15.47
N LEU A 17 2.22 3.99 -15.96
CA LEU A 17 0.98 4.49 -15.39
C LEU A 17 0.80 3.97 -13.97
N ALA A 18 1.03 2.67 -13.77
CA ALA A 18 0.88 2.04 -12.48
C ALA A 18 1.85 2.67 -11.49
N GLU A 19 3.07 2.97 -11.95
CA GLU A 19 4.06 3.63 -11.11
C GLU A 19 3.52 5.00 -10.64
N GLN A 20 2.97 5.77 -11.57
CA GLN A 20 2.41 7.07 -11.22
C GLN A 20 1.26 6.96 -10.22
N ALA A 21 0.48 5.88 -10.32
CA ALA A 21 -0.64 5.63 -9.43
C ALA A 21 -0.25 4.96 -8.12
N GLU A 22 1.05 4.64 -7.97
CA GLU A 22 1.59 3.92 -6.82
C GLU A 22 0.90 2.57 -6.64
N ARG A 23 0.64 1.92 -7.78
CA ARG A 23 0.05 0.59 -7.80
C ARG A 23 1.12 -0.44 -8.17
N TYR A 24 1.94 -0.81 -7.18
CA TYR A 24 3.17 -1.53 -7.50
C TYR A 24 2.92 -2.99 -7.85
N GLU A 25 1.90 -3.63 -7.28
CA GLU A 25 1.55 -4.98 -7.68
C GLU A 25 1.20 -5.03 -9.17
N ASP A 26 0.37 -4.08 -9.61
CA ASP A 26 0.01 -3.99 -11.02
C ASP A 26 1.25 -3.72 -11.87
N MET A 27 2.07 -2.76 -11.44
CA MET A 27 3.29 -2.42 -12.15
C MET A 27 4.19 -3.63 -12.37
N ALA A 28 4.33 -4.46 -11.34
CA ALA A 28 5.15 -5.66 -11.43
C ALA A 28 4.58 -6.67 -12.43
N ALA A 29 3.26 -6.85 -12.39
CA ALA A 29 2.59 -7.76 -13.30
C ALA A 29 2.78 -7.31 -14.76
N PHE A 30 2.67 -5.99 -15.00
CA PHE A 30 2.90 -5.47 -16.34
C PHE A 30 4.33 -5.72 -16.80
N MET A 31 5.30 -5.52 -15.91
CA MET A 31 6.70 -5.70 -16.25
C MET A 31 7.04 -7.17 -16.48
N LYS A 32 6.42 -8.07 -15.70
CA LYS A 32 6.56 -9.50 -15.94
C LYS A 32 6.06 -9.88 -17.33
N GLY A 33 4.89 -9.37 -17.71
CA GLY A 33 4.40 -9.56 -19.06
C GLY A 33 5.36 -9.04 -20.13
N ALA A 34 5.96 -7.87 -19.88
CA ALA A 34 6.89 -7.28 -20.83
C ALA A 34 8.15 -8.15 -20.97
N VAL A 35 8.67 -8.64 -19.85
CA VAL A 35 9.80 -9.55 -19.86
C VAL A 35 9.48 -10.77 -20.72
N GLU A 36 8.27 -11.30 -20.56
CA GLU A 36 7.86 -12.52 -21.22
C GLU A 36 7.73 -12.38 -22.73
N LYS A 37 7.78 -11.13 -23.24
CA LYS A 37 7.82 -10.90 -24.67
C LYS A 37 9.15 -11.32 -25.30
N GLY A 38 10.18 -11.47 -24.46
CA GLY A 38 11.43 -12.12 -24.85
C GLY A 38 12.51 -11.20 -25.40
N GLU A 39 12.27 -9.89 -25.41
CA GLU A 39 13.28 -8.90 -25.77
C GLU A 39 14.06 -8.50 -24.52
N GLU A 40 15.33 -8.12 -24.72
CA GLU A 40 16.10 -7.51 -23.64
C GLU A 40 15.40 -6.25 -23.14
N LEU A 41 15.63 -5.92 -21.88
CA LEU A 41 15.14 -4.69 -21.30
C LEU A 41 16.21 -3.61 -21.44
N SER A 42 15.76 -2.38 -21.67
CA SER A 42 16.63 -1.22 -21.57
C SER A 42 16.91 -0.87 -20.11
N CYS A 43 17.83 0.08 -19.87
CA CYS A 43 18.06 0.62 -18.54
C CYS A 43 16.78 1.12 -17.88
N GLU A 44 16.00 1.94 -18.61
CA GLU A 44 14.76 2.48 -18.06
C GLU A 44 13.84 1.33 -17.65
N GLU A 45 13.77 0.31 -18.51
CA GLU A 45 12.87 -0.79 -18.29
C GLU A 45 13.34 -1.67 -17.13
N ARG A 46 14.66 -1.86 -17.00
CA ARG A 46 15.19 -2.54 -15.83
C ARG A 46 14.83 -1.80 -14.54
N ASN A 47 14.85 -0.47 -14.59
CA ASN A 47 14.47 0.32 -13.44
C ASN A 47 12.99 0.11 -13.08
N LEU A 48 12.11 0.10 -14.09
CA LEU A 48 10.70 -0.20 -13.84
C LEU A 48 10.52 -1.56 -13.17
N LEU A 49 11.19 -2.59 -13.69
CA LEU A 49 11.07 -3.93 -13.15
C LEU A 49 11.51 -3.97 -11.69
N SER A 50 12.68 -3.38 -11.43
CA SER A 50 13.25 -3.30 -10.09
C SER A 50 12.37 -2.55 -9.10
N VAL A 51 11.94 -1.33 -9.45
CA VAL A 51 11.10 -0.53 -8.58
C VAL A 51 9.81 -1.26 -8.21
N ALA A 52 9.19 -1.88 -9.21
CA ALA A 52 7.92 -2.56 -9.01
C ALA A 52 8.05 -3.69 -7.98
N TYR A 53 8.94 -4.65 -8.25
CA TYR A 53 9.07 -5.78 -7.37
C TYR A 53 9.68 -5.41 -6.01
N LYS A 54 10.61 -4.43 -5.98
CA LYS A 54 11.17 -4.01 -4.71
C LYS A 54 10.11 -3.40 -3.78
N ASN A 55 9.18 -2.62 -4.35
CA ASN A 55 8.07 -2.09 -3.58
C ASN A 55 7.12 -3.16 -3.06
N VAL A 56 6.80 -4.15 -3.89
CA VAL A 56 5.95 -5.25 -3.47
C VAL A 56 6.58 -6.02 -2.30
N VAL A 57 7.81 -6.51 -2.51
CA VAL A 57 8.46 -7.32 -1.48
C VAL A 57 8.81 -6.45 -0.26
N GLY A 58 9.07 -5.16 -0.50
CA GLY A 58 9.34 -4.22 0.59
C GLY A 58 8.19 -4.15 1.58
N GLY A 59 6.96 -4.06 1.06
CA GLY A 59 5.76 -4.07 1.90
C GLY A 59 5.62 -5.36 2.71
N GLN A 60 5.90 -6.48 2.05
CA GLN A 60 5.81 -7.80 2.68
C GLN A 60 6.87 -7.96 3.77
N ARG A 61 8.11 -7.53 3.47
CA ARG A 61 9.20 -7.60 4.45
C ARG A 61 8.86 -6.76 5.70
N ALA A 62 8.36 -5.54 5.49
CA ALA A 62 7.97 -4.70 6.61
C ALA A 62 6.88 -5.36 7.46
N ALA A 63 5.89 -5.95 6.79
CA ALA A 63 4.79 -6.60 7.50
C ALA A 63 5.31 -7.81 8.29
N TRP A 64 6.16 -8.60 7.63
CA TRP A 64 6.74 -9.77 8.27
C TRP A 64 7.51 -9.41 9.53
N ARG A 65 8.30 -8.33 9.45
CA ARG A 65 9.09 -7.88 10.58
C ARG A 65 8.23 -7.47 11.77
N VAL A 66 7.13 -6.75 11.50
CA VAL A 66 6.18 -6.39 12.55
C VAL A 66 5.63 -7.64 13.24
N LEU A 67 5.18 -8.60 12.42
CA LEU A 67 4.51 -9.78 12.94
C LEU A 67 5.49 -10.67 13.71
N SER A 68 6.69 -10.83 13.16
CA SER A 68 7.73 -11.60 13.80
C SER A 68 8.11 -11.00 15.16
N SER A 69 8.18 -9.68 15.25
CA SER A 69 8.43 -9.03 16.53
C SER A 69 7.34 -9.30 17.57
N ILE A 70 6.07 -9.19 17.16
CA ILE A 70 4.96 -9.50 18.03
C ILE A 70 5.03 -10.97 18.47
N GLU A 71 5.32 -11.86 17.51
CA GLU A 71 5.41 -13.29 17.78
C GLU A 71 6.48 -13.59 18.83
N GLN A 72 7.67 -12.99 18.66
CA GLN A 72 8.74 -13.16 19.62
C GLN A 72 8.44 -12.60 21.01
N LYS A 73 7.74 -11.44 21.06
CA LYS A 73 7.35 -10.85 22.33
C LYS A 73 6.33 -11.74 23.03
N SER A 74 5.38 -12.28 22.27
CA SER A 74 4.42 -13.24 22.80
C SER A 74 5.11 -14.45 23.42
N ASN A 75 6.06 -15.04 22.67
CA ASN A 75 6.77 -16.23 23.08
C ASN A 75 7.70 -16.07 24.29
N GLU A 76 8.13 -14.85 24.60
CA GLU A 76 8.77 -14.53 25.88
C GLU A 76 7.90 -14.96 27.05
N GLU A 77 8.43 -15.83 27.92
CA GLU A 77 7.62 -16.36 29.01
C GLU A 77 7.42 -15.24 30.03
N GLY A 78 6.28 -15.29 30.71
CA GLY A 78 5.82 -14.20 31.57
C GLY A 78 4.74 -13.38 30.89
N SER A 79 4.96 -13.06 29.60
CA SER A 79 3.90 -12.57 28.72
C SER A 79 2.78 -13.60 28.63
N GLU A 80 1.53 -13.12 28.59
CA GLU A 80 0.37 -13.99 28.57
C GLU A 80 0.41 -15.00 27.42
N GLU A 81 1.23 -14.73 26.39
CA GLU A 81 1.57 -15.69 25.36
C GLU A 81 0.31 -16.45 24.92
N LYS A 82 -0.68 -15.68 24.48
CA LYS A 82 -2.01 -16.23 24.26
C LYS A 82 -2.31 -16.31 22.77
N GLY A 83 -2.10 -17.51 22.20
CA GLY A 83 -2.80 -17.94 21.02
C GLY A 83 -1.96 -18.31 19.80
N PRO A 84 -2.50 -19.13 18.88
CA PRO A 84 -1.83 -19.44 17.62
C PRO A 84 -1.91 -18.35 16.54
N GLU A 85 -2.72 -17.31 16.75
CA GLU A 85 -3.03 -16.37 15.68
C GLU A 85 -1.83 -15.67 15.07
N VAL A 86 -0.91 -15.14 15.89
CA VAL A 86 0.19 -14.38 15.32
C VAL A 86 1.11 -15.28 14.49
N ARG A 87 1.37 -16.50 14.98
CA ARG A 87 2.17 -17.45 14.23
C ARG A 87 1.52 -17.74 12.87
N GLU A 88 0.22 -18.05 12.89
CA GLU A 88 -0.52 -18.39 11.67
C GLU A 88 -0.46 -17.24 10.64
N TYR A 89 -0.67 -16.02 11.12
CA TYR A 89 -0.70 -14.87 10.23
C TYR A 89 0.69 -14.51 9.74
N ARG A 90 1.70 -14.59 10.60
CA ARG A 90 3.09 -14.43 10.16
C ARG A 90 3.42 -15.43 9.05
N GLU A 91 2.99 -16.69 9.22
CA GLU A 91 3.21 -17.72 8.20
C GLU A 91 2.51 -17.39 6.89
N LYS A 92 1.29 -16.83 6.95
CA LYS A 92 0.58 -16.43 5.74
C LYS A 92 1.34 -15.37 4.96
N VAL A 93 1.78 -14.32 5.65
CA VAL A 93 2.55 -13.25 5.04
C VAL A 93 3.88 -13.78 4.50
N GLU A 94 4.54 -14.64 5.28
CA GLU A 94 5.79 -15.27 4.86
C GLU A 94 5.63 -16.05 3.54
N THR A 95 4.53 -16.79 3.42
CA THR A 95 4.30 -17.60 2.23
C THR A 95 4.11 -16.71 1.01
N GLU A 96 3.40 -15.60 1.18
CA GLU A 96 3.18 -14.65 0.11
C GLU A 96 4.50 -14.01 -0.34
N LEU A 97 5.34 -13.63 0.63
CA LEU A 97 6.65 -13.08 0.36
C LEU A 97 7.52 -14.06 -0.42
N GLN A 98 7.53 -15.32 0.03
CA GLN A 98 8.27 -16.35 -0.68
C GLN A 98 7.77 -16.53 -2.12
N GLY A 99 6.44 -16.44 -2.31
CA GLY A 99 5.87 -16.52 -3.65
C GLY A 99 6.37 -15.44 -4.61
N VAL A 100 6.47 -14.21 -4.12
CA VAL A 100 6.96 -13.10 -4.92
C VAL A 100 8.44 -13.30 -5.25
N CYS A 101 9.23 -13.67 -4.24
CA CYS A 101 10.65 -13.94 -4.47
C CYS A 101 10.82 -15.04 -5.52
N ASP A 102 10.02 -16.11 -5.41
CA ASP A 102 10.11 -17.21 -6.36
C ASP A 102 9.77 -16.75 -7.79
N THR A 103 8.79 -15.84 -7.92
CA THR A 103 8.40 -15.29 -9.21
C THR A 103 9.56 -14.52 -9.84
N VAL A 104 10.19 -13.65 -9.05
CA VAL A 104 11.31 -12.85 -9.52
C VAL A 104 12.49 -13.74 -9.91
N LEU A 105 12.84 -14.68 -9.02
CA LEU A 105 13.93 -15.60 -9.31
C LEU A 105 13.64 -16.42 -10.57
N GLY A 106 12.38 -16.82 -10.76
CA GLY A 106 11.97 -17.53 -11.95
C GLY A 106 12.18 -16.74 -13.25
N LEU A 107 11.80 -15.46 -13.23
CA LEU A 107 12.00 -14.59 -14.38
C LEU A 107 13.47 -14.38 -14.69
N LEU A 108 14.27 -14.23 -13.63
CA LEU A 108 15.71 -14.06 -13.80
C LEU A 108 16.30 -15.28 -14.48
N ASP A 109 15.89 -16.47 -14.02
CA ASP A 109 16.41 -17.72 -14.55
C ASP A 109 15.88 -18.03 -15.94
N SER A 110 14.57 -17.79 -16.17
CA SER A 110 13.94 -18.20 -17.40
C SER A 110 14.21 -17.24 -18.58
N HIS A 111 14.40 -15.95 -18.28
CA HIS A 111 14.43 -14.91 -19.31
C HIS A 111 15.58 -13.91 -19.28
N LEU A 112 16.02 -13.48 -18.09
CA LEU A 112 16.83 -12.28 -18.01
C LEU A 112 18.35 -12.51 -17.93
N ILE A 113 18.78 -13.48 -17.11
CA ILE A 113 20.20 -13.67 -16.90
C ILE A 113 20.88 -14.21 -18.16
N LYS A 114 20.39 -15.34 -18.68
CA LYS A 114 21.06 -15.95 -19.81
C LYS A 114 21.11 -14.98 -21.01
N GLU A 115 20.02 -14.24 -21.26
CA GLU A 115 19.87 -13.41 -22.45
C GLU A 115 20.48 -12.00 -22.45
N ALA A 116 21.15 -11.59 -21.35
CA ALA A 116 21.85 -10.31 -21.35
C ALA A 116 23.13 -10.32 -22.19
N GLY A 117 23.27 -9.32 -23.07
CA GLY A 117 24.47 -9.17 -23.87
C GLY A 117 25.64 -8.59 -23.09
N ASP A 118 25.41 -7.46 -22.40
CA ASP A 118 26.49 -6.63 -21.90
C ASP A 118 26.75 -6.78 -20.39
N ALA A 119 27.89 -6.29 -19.92
CA ALA A 119 28.31 -6.52 -18.54
C ALA A 119 27.39 -5.83 -17.53
N GLU A 120 27.01 -4.57 -17.83
CA GLU A 120 26.11 -3.82 -16.97
C GLU A 120 24.85 -4.63 -16.68
N SER A 121 24.19 -5.14 -17.73
CA SER A 121 22.93 -5.82 -17.52
C SER A 121 23.13 -7.18 -16.85
N ARG A 122 24.20 -7.91 -17.22
CA ARG A 122 24.52 -9.17 -16.57
C ARG A 122 24.70 -8.99 -15.06
N VAL A 123 25.45 -7.96 -14.68
CA VAL A 123 25.71 -7.70 -13.27
C VAL A 123 24.44 -7.29 -12.56
N PHE A 124 23.63 -6.43 -13.20
CA PHE A 124 22.36 -6.01 -12.63
C PHE A 124 21.45 -7.19 -12.30
N TYR A 125 21.32 -8.15 -13.22
CA TYR A 125 20.45 -9.29 -12.99
C TYR A 125 21.01 -10.27 -11.95
N LEU A 126 22.34 -10.45 -11.92
CA LEU A 126 22.95 -11.31 -10.92
C LEU A 126 22.85 -10.70 -9.53
N LYS A 127 23.00 -9.38 -9.43
CA LYS A 127 22.72 -8.66 -8.21
C LYS A 127 21.28 -8.90 -7.75
N MET A 128 20.35 -8.80 -8.70
CA MET A 128 18.94 -8.99 -8.35
C MET A 128 18.68 -10.41 -7.83
N LYS A 129 19.34 -11.39 -8.43
CA LYS A 129 19.23 -12.78 -7.97
C LYS A 129 19.73 -12.91 -6.53
N GLY A 130 20.89 -12.30 -6.25
CA GLY A 130 21.42 -12.22 -4.90
C GLY A 130 20.45 -11.59 -3.91
N ASP A 131 19.86 -10.45 -4.31
CA ASP A 131 18.91 -9.74 -3.47
C ASP A 131 17.69 -10.59 -3.09
N TYR A 132 17.09 -11.27 -4.07
CA TYR A 132 15.87 -12.01 -3.80
C TYR A 132 16.14 -13.30 -3.03
N TYR A 133 17.32 -13.92 -3.22
CA TYR A 133 17.72 -15.00 -2.31
C TYR A 133 17.96 -14.45 -0.90
N ARG A 134 18.51 -13.23 -0.79
CA ARG A 134 18.71 -12.63 0.51
C ARG A 134 17.38 -12.39 1.22
N TYR A 135 16.36 -11.95 0.48
CA TYR A 135 15.04 -11.75 1.10
C TYR A 135 14.44 -13.09 1.54
N LEU A 136 14.65 -14.16 0.76
CA LEU A 136 14.26 -15.48 1.22
C LEU A 136 15.01 -15.89 2.49
N ALA A 137 16.31 -15.56 2.56
CA ALA A 137 17.12 -15.92 3.70
C ALA A 137 16.68 -15.23 4.99
N GLU A 138 16.16 -14.00 4.87
CA GLU A 138 15.66 -13.26 6.02
C GLU A 138 14.58 -14.04 6.79
N VAL A 139 13.78 -14.84 6.09
CA VAL A 139 12.69 -15.57 6.72
C VAL A 139 12.93 -17.08 6.82
N ALA A 140 14.04 -17.56 6.23
CA ALA A 140 14.33 -18.99 6.22
C ALA A 140 14.80 -19.49 7.59
N THR A 141 14.37 -20.70 7.95
CA THR A 141 14.87 -21.39 9.14
C THR A 141 15.24 -22.83 8.74
N GLY A 142 16.34 -23.34 9.32
CA GLY A 142 16.73 -24.73 9.13
C GLY A 142 17.69 -24.97 7.96
N ASP A 143 17.60 -26.15 7.35
CA ASP A 143 18.55 -26.58 6.33
C ASP A 143 18.39 -25.82 5.01
N ASP A 144 17.14 -25.56 4.64
CA ASP A 144 16.87 -24.80 3.44
C ASP A 144 17.56 -23.43 3.54
N LYS A 145 17.73 -22.89 4.75
CA LYS A 145 18.38 -21.60 4.93
C LYS A 145 19.83 -21.64 4.44
N LYS A 146 20.55 -22.72 4.73
CA LYS A 146 21.94 -22.81 4.34
C LYS A 146 22.06 -22.78 2.81
N ARG A 147 21.19 -23.52 2.13
CA ARG A 147 21.16 -23.54 0.66
C ARG A 147 20.80 -22.18 0.06
N ILE A 148 19.82 -21.49 0.64
CA ILE A 148 19.42 -20.17 0.18
C ILE A 148 20.57 -19.17 0.33
N ILE A 149 21.24 -19.19 1.48
CA ILE A 149 22.38 -18.32 1.71
C ILE A 149 23.48 -18.57 0.69
N ASP A 150 23.76 -19.85 0.40
CA ASP A 150 24.77 -20.22 -0.58
C ASP A 150 24.42 -19.71 -1.97
N SER A 151 23.12 -19.75 -2.31
CA SER A 151 22.65 -19.27 -3.59
C SER A 151 22.82 -17.76 -3.72
N ALA A 152 22.50 -17.03 -2.64
CA ALA A 152 22.71 -15.59 -2.60
C ALA A 152 24.19 -15.25 -2.78
N ARG A 153 25.05 -15.91 -1.99
CA ARG A 153 26.48 -15.64 -2.06
C ARG A 153 27.04 -15.89 -3.46
N SER A 154 26.64 -17.02 -4.08
CA SER A 154 27.12 -17.38 -5.40
C SER A 154 26.76 -16.34 -6.45
N ALA A 155 25.51 -15.86 -6.41
CA ALA A 155 25.03 -14.84 -7.34
C ALA A 155 25.79 -13.53 -7.16
N TYR A 156 25.87 -13.06 -5.92
CA TYR A 156 26.62 -11.84 -5.62
C TYR A 156 28.09 -11.95 -6.04
N GLN A 157 28.72 -13.09 -5.73
CA GLN A 157 30.13 -13.26 -6.05
C GLN A 157 30.36 -13.24 -7.56
N GLU A 158 29.50 -13.89 -8.34
CA GLU A 158 29.65 -13.87 -9.79
C GLU A 158 29.49 -12.44 -10.31
N ALA A 159 28.50 -11.72 -9.79
CA ALA A 159 28.33 -10.33 -10.15
C ALA A 159 29.56 -9.49 -9.79
N MET A 160 30.13 -9.71 -8.60
CA MET A 160 31.30 -8.97 -8.18
C MET A 160 32.48 -9.22 -9.11
N ASP A 161 32.69 -10.49 -9.49
CA ASP A 161 33.78 -10.85 -10.36
C ASP A 161 33.71 -10.17 -11.72
N ILE A 162 32.51 -10.14 -12.31
CA ILE A 162 32.28 -9.47 -13.58
C ILE A 162 32.48 -7.96 -13.43
N SER A 163 31.90 -7.38 -12.38
CA SER A 163 31.93 -5.93 -12.21
C SER A 163 33.35 -5.41 -12.05
N LYS A 164 34.21 -6.18 -11.37
CA LYS A 164 35.60 -5.77 -11.16
C LYS A 164 36.42 -5.84 -12.44
N LYS A 165 36.05 -6.75 -13.35
CA LYS A 165 36.77 -6.89 -14.61
C LYS A 165 36.28 -5.92 -15.68
N GLU A 166 35.00 -5.54 -15.60
CA GLU A 166 34.33 -4.91 -16.73
C GLU A 166 33.84 -3.49 -16.50
N MET A 167 33.74 -3.06 -15.24
CA MET A 167 33.06 -1.80 -14.94
C MET A 167 33.93 -0.92 -14.04
N PRO A 168 33.87 0.42 -14.19
CA PRO A 168 34.61 1.32 -13.31
C PRO A 168 34.10 1.21 -11.87
N PRO A 169 34.96 1.52 -10.88
CA PRO A 169 34.61 1.40 -9.47
C PRO A 169 33.48 2.32 -9.00
N THR A 170 33.22 3.40 -9.73
CA THR A 170 32.16 4.33 -9.36
C THR A 170 30.88 4.12 -10.16
N ASN A 171 30.84 3.07 -11.01
CA ASN A 171 29.62 2.72 -11.73
C ASN A 171 28.48 2.41 -10.75
N PRO A 172 27.28 3.02 -10.92
CA PRO A 172 26.19 2.84 -9.95
C PRO A 172 25.73 1.40 -9.72
N ILE A 173 25.77 0.55 -10.77
CA ILE A 173 25.43 -0.85 -10.61
C ILE A 173 26.49 -1.56 -9.78
N ARG A 174 27.77 -1.34 -10.10
CA ARG A 174 28.86 -1.92 -9.32
C ARG A 174 28.75 -1.52 -7.85
N LEU A 175 28.43 -0.24 -7.61
CA LEU A 175 28.26 0.27 -6.25
C LEU A 175 27.08 -0.35 -5.52
N GLY A 176 25.92 -0.36 -6.16
CA GLY A 176 24.72 -0.93 -5.56
C GLY A 176 24.90 -2.40 -5.21
N LEU A 177 25.57 -3.13 -6.11
CA LEU A 177 25.94 -4.52 -5.85
C LEU A 177 26.83 -4.68 -4.62
N ALA A 178 27.90 -3.90 -4.55
CA ALA A 178 28.81 -3.99 -3.42
C ALA A 178 28.12 -3.61 -2.10
N LEU A 179 27.32 -2.56 -2.12
CA LEU A 179 26.52 -2.19 -0.96
C LEU A 179 25.66 -3.37 -0.50
N ASN A 180 24.89 -3.94 -1.41
CA ASN A 180 24.01 -5.04 -1.03
C ASN A 180 24.75 -6.30 -0.58
N PHE A 181 25.90 -6.60 -1.19
CA PHE A 181 26.69 -7.75 -0.79
C PHE A 181 27.26 -7.52 0.61
N SER A 182 27.66 -6.27 0.92
CA SER A 182 28.11 -5.95 2.27
C SER A 182 26.98 -6.12 3.28
N VAL A 183 25.75 -5.75 2.92
CA VAL A 183 24.59 -5.98 3.78
C VAL A 183 24.36 -7.47 4.02
N PHE A 184 24.44 -8.27 2.95
CA PHE A 184 24.39 -9.72 3.04
C PHE A 184 25.40 -10.24 4.06
N HIS A 185 26.65 -9.78 3.97
CA HIS A 185 27.67 -10.23 4.90
C HIS A 185 27.27 -9.92 6.35
N TYR A 186 26.77 -8.71 6.58
CA TYR A 186 26.52 -8.24 7.92
C TYR A 186 25.28 -8.87 8.54
N GLU A 187 24.18 -8.86 7.78
CA GLU A 187 22.85 -9.20 8.28
C GLU A 187 22.51 -10.67 8.10
N ILE A 188 23.08 -11.33 7.09
CA ILE A 188 22.71 -12.71 6.77
C ILE A 188 23.80 -13.72 7.11
N ALA A 189 25.04 -13.41 6.71
CA ALA A 189 26.13 -14.36 6.75
C ALA A 189 26.96 -14.32 8.02
N ASN A 190 26.56 -13.48 8.98
CA ASN A 190 27.26 -13.37 10.26
C ASN A 190 28.75 -13.07 10.04
N SER A 191 29.04 -12.14 9.12
CA SER A 191 30.41 -11.84 8.72
C SER A 191 30.66 -10.34 8.79
N PRO A 192 30.66 -9.72 9.99
CA PRO A 192 30.80 -8.27 10.09
C PRO A 192 32.15 -7.79 9.55
N GLU A 193 33.20 -8.61 9.71
CA GLU A 193 34.54 -8.23 9.30
C GLU A 193 34.57 -8.06 7.78
N GLU A 194 33.98 -9.02 7.07
CA GLU A 194 33.92 -8.94 5.62
C GLU A 194 33.00 -7.81 5.17
N ALA A 195 31.90 -7.59 5.88
CA ALA A 195 30.98 -6.50 5.53
C ALA A 195 31.71 -5.15 5.57
N ILE A 196 32.42 -4.92 6.67
CA ILE A 196 33.12 -3.67 6.88
C ILE A 196 34.27 -3.52 5.89
N SER A 197 35.07 -4.57 5.72
CA SER A 197 36.18 -4.53 4.78
C SER A 197 35.72 -4.24 3.36
N LEU A 198 34.68 -4.95 2.90
CA LEU A 198 34.13 -4.69 1.57
C LEU A 198 33.58 -3.28 1.43
N ALA A 199 32.81 -2.81 2.41
CA ALA A 199 32.24 -1.47 2.33
C ALA A 199 33.32 -0.40 2.30
N LYS A 200 34.34 -0.55 3.16
CA LYS A 200 35.43 0.41 3.20
C LYS A 200 36.25 0.44 1.91
N THR A 201 36.61 -0.74 1.39
CA THR A 201 37.33 -0.81 0.13
C THR A 201 36.51 -0.23 -1.02
N THR A 202 35.22 -0.60 -1.10
CA THR A 202 34.32 -0.08 -2.12
C THR A 202 34.27 1.44 -2.08
N PHE A 203 34.05 2.01 -0.88
CA PHE A 203 33.96 3.45 -0.73
C PHE A 203 35.24 4.14 -1.19
N ASP A 204 36.39 3.67 -0.72
CA ASP A 204 37.65 4.32 -1.04
C ASP A 204 37.96 4.26 -2.53
N GLU A 205 37.77 3.10 -3.15
CA GLU A 205 38.07 2.93 -4.57
C GLU A 205 37.11 3.71 -5.46
N ALA A 206 35.85 3.84 -5.03
CA ALA A 206 34.89 4.66 -5.74
C ALA A 206 35.25 6.14 -5.67
N MET A 207 35.61 6.62 -4.47
CA MET A 207 35.99 8.02 -4.31
C MET A 207 37.24 8.35 -5.12
N ALA A 208 38.19 7.41 -5.16
CA ALA A 208 39.42 7.61 -5.92
C ALA A 208 39.17 7.81 -7.42
N ASP A 209 38.06 7.27 -7.94
CA ASP A 209 37.77 7.37 -9.36
C ASP A 209 36.56 8.24 -9.67
N LEU A 210 36.00 8.91 -8.65
CA LEU A 210 34.78 9.68 -8.84
C LEU A 210 34.92 10.77 -9.91
N HIS A 211 36.11 11.33 -10.04
CA HIS A 211 36.37 12.38 -11.02
C HIS A 211 36.22 11.94 -12.47
N THR A 212 36.15 10.61 -12.70
CA THR A 212 35.95 10.05 -14.03
C THR A 212 34.49 9.69 -14.35
N LEU A 213 33.62 9.75 -13.35
CA LEU A 213 32.24 9.28 -13.49
C LEU A 213 31.42 10.27 -14.31
N SER A 214 30.58 9.75 -15.22
CA SER A 214 29.72 10.59 -16.04
C SER A 214 28.70 11.31 -15.18
N GLU A 215 28.31 12.52 -15.60
CA GLU A 215 27.40 13.33 -14.80
C GLU A 215 26.03 12.67 -14.65
N ASP A 216 25.60 11.87 -15.64
CA ASP A 216 24.29 11.24 -15.53
C ASP A 216 24.21 10.22 -14.39
N SER A 217 25.36 9.71 -13.91
CA SER A 217 25.41 8.74 -12.84
C SER A 217 25.78 9.32 -11.48
N TYR A 218 26.15 10.60 -11.45
CA TYR A 218 26.66 11.21 -10.25
C TYR A 218 25.72 11.12 -9.05
N LYS A 219 24.43 11.48 -9.26
CA LYS A 219 23.49 11.45 -8.15
C LYS A 219 23.37 10.06 -7.54
N ASP A 220 23.19 9.06 -8.40
CA ASP A 220 22.98 7.70 -7.92
C ASP A 220 24.23 7.14 -7.23
N SER A 221 25.40 7.33 -7.82
CA SER A 221 26.63 6.84 -7.21
C SER A 221 26.94 7.49 -5.86
N THR A 222 26.70 8.81 -5.75
CA THR A 222 26.95 9.51 -4.50
C THR A 222 25.97 9.06 -3.42
N LEU A 223 24.74 8.70 -3.80
CA LEU A 223 23.77 8.18 -2.86
C LEU A 223 24.25 6.86 -2.26
N ILE A 224 24.74 5.95 -3.12
CA ILE A 224 25.23 4.66 -2.65
C ILE A 224 26.46 4.87 -1.75
N MET A 225 27.36 5.79 -2.13
CA MET A 225 28.53 6.03 -1.33
C MET A 225 28.15 6.56 0.08
N GLN A 226 27.11 7.39 0.16
CA GLN A 226 26.61 7.85 1.45
C GLN A 226 26.09 6.70 2.30
N LEU A 227 25.41 5.74 1.67
CA LEU A 227 24.88 4.59 2.38
C LEU A 227 26.01 3.67 2.85
N LEU A 228 27.07 3.53 2.05
CA LEU A 228 28.26 2.81 2.50
C LEU A 228 28.84 3.46 3.75
N ARG A 229 28.96 4.80 3.72
CA ARG A 229 29.45 5.55 4.87
C ARG A 229 28.55 5.36 6.10
N ASP A 230 27.22 5.49 5.90
CA ASP A 230 26.28 5.35 7.00
C ASP A 230 26.33 3.96 7.64
N ASN A 231 26.37 2.92 6.79
CA ASN A 231 26.52 1.56 7.29
C ASN A 231 27.83 1.37 8.06
N LEU A 232 28.92 1.90 7.51
CA LEU A 232 30.22 1.79 8.20
C LEU A 232 30.15 2.43 9.59
N THR A 233 29.48 3.59 9.70
CA THR A 233 29.30 4.24 10.99
C THR A 233 28.49 3.39 11.96
N LEU A 234 27.41 2.78 11.44
CA LEU A 234 26.55 1.89 12.22
C LEU A 234 27.28 0.63 12.68
N TRP A 235 28.16 0.10 11.83
CA TRP A 235 28.81 -1.19 12.09
C TRP A 235 30.08 -1.10 12.94
N THR A 236 30.60 0.12 13.14
CA THR A 236 31.84 0.30 13.88
C THR A 236 31.62 1.17 15.09
N ASP B 1 19.10 -1.03 14.97
CA ASP B 1 18.92 -0.38 13.66
C ASP B 1 19.46 -1.26 12.53
N ARG B 2 18.69 -1.36 11.44
CA ARG B 2 19.04 -2.22 10.33
C ARG B 2 19.97 -1.51 9.35
N SER B 3 20.82 -2.30 8.71
CA SER B 3 21.66 -1.81 7.63
C SER B 3 20.83 -1.29 6.46
N SER B 4 21.37 -0.31 5.72
CA SER B 4 20.69 0.18 4.53
C SER B 4 21.21 -0.53 3.28
N ALA B 6 20.52 -0.76 -1.19
CA ALA B 6 20.28 0.14 -2.30
C ALA B 6 18.81 0.54 -2.38
N PRO B 7 18.50 1.86 -2.51
CA PRO B 7 17.12 2.33 -2.55
C PRO B 7 16.53 2.24 -3.96
N ASN B 8 15.21 2.49 -4.08
CA ASN B 8 14.58 2.76 -5.37
C ASN B 8 14.87 4.19 -5.82
N VAL B 9 15.15 4.34 -7.12
CA VAL B 9 15.45 5.66 -7.67
C VAL B 9 14.85 5.88 -9.05
N HIS B 10 14.57 7.16 -9.36
CA HIS B 10 14.19 7.64 -10.67
C HIS B 10 13.06 6.80 -11.29
N GLY C 1 -10.11 -16.99 3.53
CA GLY C 1 -10.47 -18.30 2.99
C GLY C 1 -11.71 -18.88 3.66
N ALA C 2 -11.52 -20.03 4.34
CA ALA C 2 -12.59 -20.68 5.07
C ALA C 2 -12.86 -20.00 6.42
N MET C 3 -13.30 -18.73 6.37
CA MET C 3 -13.47 -17.94 7.58
C MET C 3 -14.72 -18.31 8.39
N GLY C 4 -15.67 -19.02 7.76
CA GLY C 4 -16.90 -19.41 8.41
C GLY C 4 -16.69 -20.23 9.67
N SER C 5 -15.67 -21.11 9.62
CA SER C 5 -15.35 -21.99 10.73
C SER C 5 -14.38 -21.42 11.75
N MET C 6 -13.88 -20.21 11.50
CA MET C 6 -12.88 -19.62 12.38
C MET C 6 -13.55 -18.99 13.60
N GLU C 7 -12.84 -19.03 14.74
CA GLU C 7 -13.31 -18.37 15.93
C GLU C 7 -13.43 -16.88 15.65
N ARG C 8 -14.54 -16.29 16.10
CA ARG C 8 -14.73 -14.86 15.90
C ARG C 8 -13.59 -14.08 16.55
N ALA C 9 -13.22 -14.49 17.77
CA ALA C 9 -12.18 -13.80 18.51
C ALA C 9 -10.85 -13.85 17.75
N SER C 10 -10.56 -14.98 17.10
CA SER C 10 -9.36 -15.08 16.27
C SER C 10 -9.36 -14.14 15.07
N LEU C 11 -10.53 -13.99 14.42
CA LEU C 11 -10.66 -13.08 13.31
C LEU C 11 -10.42 -11.63 13.74
N ILE C 12 -10.95 -11.25 14.91
CA ILE C 12 -10.73 -9.91 15.44
C ILE C 12 -9.24 -9.69 15.78
N GLN C 13 -8.62 -10.69 16.39
CA GLN C 13 -7.22 -10.58 16.74
C GLN C 13 -6.36 -10.42 15.49
N LYS C 14 -6.66 -11.22 14.45
CA LYS C 14 -5.94 -11.10 13.19
C LYS C 14 -6.17 -9.77 12.49
N ALA C 15 -7.37 -9.21 12.59
CA ALA C 15 -7.61 -7.86 12.09
C ALA C 15 -6.69 -6.83 12.75
N LYS C 16 -6.52 -6.94 14.06
CA LYS C 16 -5.64 -6.04 14.80
C LYS C 16 -4.17 -6.20 14.42
N LEU C 17 -3.76 -7.45 14.20
CA LEU C 17 -2.41 -7.72 13.73
C LEU C 17 -2.19 -7.12 12.34
N ALA C 18 -3.17 -7.31 11.45
CA ALA C 18 -3.06 -6.81 10.09
C ALA C 18 -2.95 -5.28 10.11
N GLU C 19 -3.71 -4.64 11.00
CA GLU C 19 -3.63 -3.19 11.17
C GLU C 19 -2.22 -2.76 11.56
N GLN C 20 -1.63 -3.46 12.53
CA GLN C 20 -0.26 -3.14 12.97
C GLN C 20 0.75 -3.34 11.85
N ALA C 21 0.50 -4.31 10.95
CA ALA C 21 1.39 -4.59 9.84
C ALA C 21 1.09 -3.75 8.61
N GLU C 22 0.08 -2.89 8.70
CA GLU C 22 -0.37 -2.04 7.60
C GLU C 22 -0.79 -2.88 6.40
N ARG C 23 -1.42 -4.02 6.70
CA ARG C 23 -1.96 -4.92 5.71
C ARG C 23 -3.48 -4.77 5.62
N TYR C 24 -3.94 -3.70 4.94
CA TYR C 24 -5.34 -3.31 5.09
C TYR C 24 -6.29 -4.22 4.32
N GLU C 25 -5.85 -4.78 3.18
CA GLU C 25 -6.70 -5.73 2.47
C GLU C 25 -6.97 -6.95 3.35
N ASP C 26 -5.93 -7.49 3.99
CA ASP C 26 -6.10 -8.59 4.93
C ASP C 26 -7.00 -8.19 6.11
N MET C 27 -6.76 -7.02 6.67
CA MET C 27 -7.55 -6.51 7.78
C MET C 27 -9.04 -6.48 7.44
N ALA C 28 -9.36 -6.01 6.22
CA ALA C 28 -10.74 -5.93 5.78
C ALA C 28 -11.36 -7.33 5.64
N ALA C 29 -10.60 -8.25 5.04
CA ALA C 29 -11.07 -9.62 4.90
C ALA C 29 -11.36 -10.27 6.25
N PHE C 30 -10.49 -10.04 7.23
CA PHE C 30 -10.72 -10.56 8.58
C PHE C 30 -11.99 -9.98 9.19
N MET C 31 -12.22 -8.67 9.01
CA MET C 31 -13.38 -8.03 9.59
C MET C 31 -14.67 -8.45 8.89
N LYS C 32 -14.60 -8.69 7.56
CA LYS C 32 -15.73 -9.27 6.83
C LYS C 32 -16.10 -10.63 7.41
N GLY C 33 -15.09 -11.48 7.62
CA GLY C 33 -15.32 -12.76 8.26
C GLY C 33 -15.96 -12.63 9.64
N ALA C 34 -15.50 -11.64 10.42
CA ALA C 34 -16.05 -11.43 11.75
C ALA C 34 -17.51 -11.00 11.69
N VAL C 35 -17.82 -10.08 10.77
CA VAL C 35 -19.21 -9.67 10.55
C VAL C 35 -20.08 -10.88 10.22
N GLU C 36 -19.56 -11.78 9.39
CA GLU C 36 -20.31 -12.93 8.90
C GLU C 36 -20.54 -13.99 9.98
N LYS C 37 -19.90 -13.83 11.15
CA LYS C 37 -20.21 -14.68 12.29
C LYS C 37 -21.60 -14.38 12.87
N GLY C 38 -22.15 -13.21 12.52
CA GLY C 38 -23.56 -12.90 12.73
C GLY C 38 -23.91 -12.20 14.04
N GLU C 39 -22.89 -11.85 14.84
CA GLU C 39 -23.08 -11.06 16.05
C GLU C 39 -22.93 -9.57 15.77
N GLU C 40 -23.55 -8.73 16.59
CA GLU C 40 -23.34 -7.29 16.51
C GLU C 40 -21.87 -6.96 16.74
N LEU C 41 -21.43 -5.83 16.20
CA LEU C 41 -20.08 -5.32 16.43
C LEU C 41 -20.08 -4.34 17.60
N SER C 42 -19.01 -4.36 18.38
CA SER C 42 -18.71 -3.33 19.34
C SER C 42 -18.17 -2.06 18.68
N CYS C 43 -17.94 -1.03 19.50
CA CYS C 43 -17.33 0.20 19.02
C CYS C 43 -15.96 -0.02 18.41
N GLU C 44 -15.12 -0.73 19.16
CA GLU C 44 -13.78 -1.03 18.69
C GLU C 44 -13.87 -1.76 17.36
N GLU C 45 -14.81 -2.70 17.27
CA GLU C 45 -14.92 -3.53 16.08
C GLU C 45 -15.44 -2.73 14.89
N ARG C 46 -16.39 -1.81 15.13
CA ARG C 46 -16.80 -0.90 14.08
C ARG C 46 -15.63 -0.06 13.56
N ASN C 47 -14.77 0.37 14.47
CA ASN C 47 -13.59 1.13 14.08
C ASN C 47 -12.63 0.31 13.22
N LEU C 48 -12.40 -0.96 13.60
CA LEU C 48 -11.58 -1.84 12.79
C LEU C 48 -12.16 -2.01 11.38
N LEU C 49 -13.47 -2.24 11.30
CA LEU C 49 -14.13 -2.46 10.00
C LEU C 49 -13.95 -1.21 9.13
N SER C 50 -14.25 -0.06 9.72
CA SER C 50 -14.13 1.23 9.04
C SER C 50 -12.72 1.54 8.57
N VAL C 51 -11.72 1.44 9.46
CA VAL C 51 -10.33 1.73 9.11
C VAL C 51 -9.84 0.83 7.98
N ALA C 52 -10.19 -0.45 8.06
CA ALA C 52 -9.75 -1.40 7.04
C ALA C 52 -10.27 -1.05 5.67
N TYR C 53 -11.58 -0.96 5.52
CA TYR C 53 -12.15 -0.69 4.21
C TYR C 53 -11.85 0.73 3.73
N LYS C 54 -11.80 1.72 4.64
CA LYS C 54 -11.46 3.08 4.24
C LYS C 54 -10.04 3.16 3.67
N ASN C 55 -9.10 2.42 4.25
CA ASN C 55 -7.74 2.34 3.72
C ASN C 55 -7.67 1.69 2.34
N VAL C 56 -8.40 0.58 2.17
CA VAL C 56 -8.42 -0.09 0.87
C VAL C 56 -9.01 0.84 -0.20
N VAL C 57 -10.22 1.35 0.03
CA VAL C 57 -10.87 2.16 -0.99
C VAL C 57 -10.14 3.50 -1.14
N GLY C 58 -9.53 3.98 -0.05
CA GLY C 58 -8.75 5.22 -0.10
C GLY C 58 -7.61 5.13 -1.12
N GLY C 59 -6.89 4.00 -1.09
CA GLY C 59 -5.82 3.75 -2.05
C GLY C 59 -6.32 3.70 -3.49
N GLN C 60 -7.47 3.04 -3.67
CA GLN C 60 -8.09 2.89 -4.98
C GLN C 60 -8.55 4.25 -5.51
N ARG C 61 -9.19 5.05 -4.65
CA ARG C 61 -9.66 6.39 -5.02
C ARG C 61 -8.49 7.27 -5.45
N ALA C 62 -7.40 7.24 -4.68
CA ALA C 62 -6.22 8.03 -5.01
C ALA C 62 -5.68 7.62 -6.37
N ALA C 63 -5.59 6.30 -6.60
CA ALA C 63 -5.07 5.77 -7.86
C ALA C 63 -5.97 6.17 -9.03
N TRP C 64 -7.28 6.01 -8.83
CA TRP C 64 -8.25 6.39 -9.86
C TRP C 64 -8.13 7.87 -10.24
N ARG C 65 -7.97 8.74 -9.24
CA ARG C 65 -7.86 10.17 -9.51
C ARG C 65 -6.62 10.50 -10.32
N VAL C 66 -5.50 9.86 -10.00
CA VAL C 66 -4.28 10.04 -10.79
C VAL C 66 -4.51 9.66 -12.24
N LEU C 67 -5.10 8.46 -12.44
CA LEU C 67 -5.28 7.93 -13.78
C LEU C 67 -6.30 8.74 -14.58
N SER C 68 -7.40 9.14 -13.93
CA SER C 68 -8.41 9.97 -14.57
C SER C 68 -7.83 11.30 -15.02
N SER C 69 -6.95 11.89 -14.20
CA SER C 69 -6.30 13.13 -14.60
C SER C 69 -5.40 12.95 -15.83
N ILE C 70 -4.59 11.89 -15.83
CA ILE C 70 -3.75 11.58 -16.98
C ILE C 70 -4.61 11.36 -18.23
N GLU C 71 -5.69 10.58 -18.06
CA GLU C 71 -6.60 10.26 -19.15
C GLU C 71 -7.16 11.53 -19.80
N GLN C 72 -7.67 12.43 -18.95
CA GLN C 72 -8.24 13.67 -19.44
C GLN C 72 -7.22 14.59 -20.09
N LYS C 73 -6.00 14.65 -19.52
CA LYS C 73 -4.94 15.47 -20.09
C LYS C 73 -4.54 14.95 -21.46
N SER C 74 -4.43 13.62 -21.56
CA SER C 74 -4.12 12.97 -22.83
C SER C 74 -5.17 13.30 -23.88
N ASN C 75 -6.44 13.12 -23.52
CA ASN C 75 -7.56 13.35 -24.44
C ASN C 75 -7.67 14.80 -24.92
N GLU C 76 -7.39 15.74 -24.02
CA GLU C 76 -7.36 17.17 -24.29
C GLU C 76 -6.32 17.54 -25.33
N GLU C 77 -5.13 16.94 -25.18
CA GLU C 77 -4.05 17.18 -26.12
C GLU C 77 -4.47 16.65 -27.49
N GLY C 78 -5.10 15.46 -27.49
CA GLY C 78 -5.84 14.98 -28.65
C GLY C 78 -4.94 14.38 -29.73
N SER C 79 -3.75 13.92 -29.33
CA SER C 79 -2.81 13.29 -30.25
C SER C 79 -3.43 12.04 -30.86
N GLU C 80 -3.17 11.83 -32.16
CA GLU C 80 -3.79 10.74 -32.90
C GLU C 80 -3.44 9.38 -32.30
N GLU C 81 -2.41 9.33 -31.45
CA GLU C 81 -1.82 8.07 -31.00
C GLU C 81 -1.86 7.73 -29.52
N LYS C 82 -2.35 8.64 -28.66
CA LYS C 82 -2.28 8.39 -27.23
C LYS C 82 -3.69 8.23 -26.66
N GLY C 83 -3.81 7.52 -25.54
CA GLY C 83 -5.04 7.48 -24.76
C GLY C 83 -5.67 6.13 -24.40
N PRO C 84 -5.60 5.10 -25.28
CA PRO C 84 -6.27 3.83 -25.03
C PRO C 84 -5.76 3.05 -23.82
N GLU C 85 -4.43 3.06 -23.61
CA GLU C 85 -3.86 2.36 -22.48
C GLU C 85 -4.31 2.94 -21.14
N VAL C 86 -4.23 4.27 -21.00
CA VAL C 86 -4.64 4.88 -19.74
C VAL C 86 -6.14 4.68 -19.49
N ARG C 87 -6.96 4.76 -20.54
CA ARG C 87 -8.39 4.49 -20.39
C ARG C 87 -8.61 3.08 -19.83
N GLU C 88 -7.99 2.08 -20.46
CA GLU C 88 -8.15 0.69 -20.04
C GLU C 88 -7.69 0.47 -18.60
N TYR C 89 -6.56 1.07 -18.22
CA TYR C 89 -6.05 0.87 -16.88
C TYR C 89 -6.89 1.62 -15.84
N ARG C 90 -7.32 2.84 -16.17
CA ARG C 90 -8.30 3.53 -15.32
C ARG C 90 -9.55 2.67 -15.11
N GLU C 91 -10.07 2.05 -16.18
CA GLU C 91 -11.23 1.16 -16.06
C GLU C 91 -10.96 -0.05 -15.17
N LYS C 92 -9.75 -0.61 -15.23
CA LYS C 92 -9.38 -1.74 -14.40
C LYS C 92 -9.43 -1.36 -12.91
N VAL C 93 -8.81 -0.22 -12.57
CA VAL C 93 -8.79 0.26 -11.19
C VAL C 93 -10.21 0.59 -10.73
N GLU C 94 -10.98 1.23 -11.62
CA GLU C 94 -12.37 1.56 -11.34
C GLU C 94 -13.20 0.32 -10.99
N THR C 95 -13.00 -0.77 -11.73
CA THR C 95 -13.76 -1.99 -11.52
C THR C 95 -13.44 -2.59 -10.15
N GLU C 96 -12.16 -2.54 -9.79
CA GLU C 96 -11.73 -3.03 -8.49
C GLU C 96 -12.33 -2.20 -7.35
N LEU C 97 -12.30 -0.88 -7.50
CA LEU C 97 -12.91 0.04 -6.54
C LEU C 97 -14.40 -0.24 -6.36
N GLN C 98 -15.12 -0.40 -7.49
CA GLN C 98 -16.54 -0.71 -7.44
C GLN C 98 -16.78 -2.03 -6.72
N GLY C 99 -15.92 -3.03 -6.95
CA GLY C 99 -16.03 -4.30 -6.24
C GLY C 99 -15.92 -4.22 -4.73
N VAL C 100 -14.99 -3.39 -4.23
CA VAL C 100 -14.83 -3.18 -2.81
C VAL C 100 -16.05 -2.46 -2.25
N CYS C 101 -16.51 -1.40 -2.93
CA CYS C 101 -17.70 -0.69 -2.48
C CYS C 101 -18.91 -1.64 -2.41
N ASP C 102 -19.07 -2.47 -3.44
CA ASP C 102 -20.18 -3.43 -3.47
C ASP C 102 -20.11 -4.42 -2.31
N THR C 103 -18.89 -4.84 -1.95
CA THR C 103 -18.67 -5.73 -0.81
C THR C 103 -19.14 -5.09 0.49
N VAL C 104 -18.73 -3.84 0.71
CA VAL C 104 -19.10 -3.10 1.92
C VAL C 104 -20.60 -2.89 1.98
N LEU C 105 -21.18 -2.40 0.88
CA LEU C 105 -22.62 -2.20 0.83
C LEU C 105 -23.40 -3.51 1.06
N GLY C 106 -22.87 -4.62 0.53
CA GLY C 106 -23.46 -5.93 0.75
C GLY C 106 -23.49 -6.33 2.23
N LEU C 107 -22.37 -6.10 2.94
CA LEU C 107 -22.28 -6.43 4.35
C LEU C 107 -23.24 -5.57 5.18
N LEU C 108 -23.34 -4.28 4.79
CA LEU C 108 -24.25 -3.38 5.49
C LEU C 108 -25.68 -3.86 5.34
N ASP C 109 -26.05 -4.26 4.12
CA ASP C 109 -27.41 -4.71 3.85
C ASP C 109 -27.71 -6.09 4.40
N SER C 110 -26.74 -7.01 4.31
CA SER C 110 -26.99 -8.40 4.67
C SER C 110 -26.92 -8.65 6.18
N HIS C 111 -26.08 -7.88 6.89
CA HIS C 111 -25.74 -8.17 8.27
C HIS C 111 -25.82 -7.01 9.27
N LEU C 112 -25.44 -5.79 8.88
CA LEU C 112 -25.15 -4.77 9.87
C LEU C 112 -26.30 -3.80 10.16
N ILE C 113 -26.98 -3.29 9.12
CA ILE C 113 -27.96 -2.24 9.34
C ILE C 113 -29.20 -2.80 10.06
N LYS C 114 -29.78 -3.86 9.51
CA LYS C 114 -30.96 -4.44 10.11
C LYS C 114 -30.74 -4.83 11.57
N GLU C 115 -29.59 -5.45 11.87
CA GLU C 115 -29.34 -6.10 13.16
C GLU C 115 -28.73 -5.21 14.27
N ALA C 116 -28.54 -3.91 14.01
CA ALA C 116 -28.11 -2.97 15.05
C ALA C 116 -29.21 -2.71 16.09
N GLY C 117 -28.84 -2.81 17.36
CA GLY C 117 -29.77 -2.57 18.45
C GLY C 117 -30.05 -1.08 18.66
N ASP C 118 -28.97 -0.29 18.75
CA ASP C 118 -29.09 1.07 19.24
C ASP C 118 -28.95 2.11 18.14
N ALA C 119 -29.36 3.35 18.47
CA ALA C 119 -29.41 4.43 17.50
C ALA C 119 -28.00 4.81 17.02
N GLU C 120 -27.05 4.84 17.97
CA GLU C 120 -25.69 5.20 17.64
C GLU C 120 -25.14 4.30 16.54
N SER C 121 -25.28 2.98 16.71
CA SER C 121 -24.73 2.05 15.73
C SER C 121 -25.53 2.08 14.42
N ARG C 122 -26.85 2.21 14.49
CA ARG C 122 -27.66 2.35 13.29
CA ARG C 122 -27.68 2.37 13.31
C ARG C 122 -27.23 3.56 12.46
N VAL C 123 -27.00 4.70 13.11
CA VAL C 123 -26.55 5.90 12.41
C VAL C 123 -25.17 5.69 11.80
N PHE C 124 -24.26 5.05 12.56
CA PHE C 124 -22.93 4.74 12.04
C PHE C 124 -22.99 3.95 10.73
N TYR C 125 -23.83 2.91 10.69
CA TYR C 125 -23.92 2.08 9.51
C TYR C 125 -24.61 2.77 8.33
N LEU C 126 -25.63 3.59 8.60
CA LEU C 126 -26.29 4.33 7.54
C LEU C 126 -25.38 5.39 6.95
N LYS C 127 -24.57 6.04 7.80
CA LYS C 127 -23.51 6.91 7.34
C LYS C 127 -22.55 6.15 6.41
N MET C 128 -22.15 4.95 6.82
CA MET C 128 -21.21 4.17 6.02
C MET C 128 -21.83 3.82 4.66
N LYS C 129 -23.13 3.49 4.63
CA LYS C 129 -23.83 3.23 3.38
C LYS C 129 -23.81 4.45 2.47
N GLY C 130 -24.07 5.63 3.05
CA GLY C 130 -23.95 6.88 2.32
C GLY C 130 -22.56 7.10 1.73
N ASP C 131 -21.53 6.88 2.56
CA ASP C 131 -20.15 7.03 2.12
C ASP C 131 -19.78 6.12 0.95
N TYR C 132 -20.14 4.84 1.01
CA TYR C 132 -19.72 3.92 -0.05
C TYR C 132 -20.55 4.13 -1.32
N TYR C 133 -21.82 4.58 -1.22
CA TYR C 133 -22.51 5.05 -2.42
C TYR C 133 -21.87 6.32 -2.96
N ARG C 134 -21.40 7.20 -2.09
CA ARG C 134 -20.69 8.39 -2.54
C ARG C 134 -19.41 8.04 -3.30
N TYR C 135 -18.65 7.04 -2.82
CA TYR C 135 -17.45 6.64 -3.54
C TYR C 135 -17.82 6.01 -4.88
N LEU C 136 -18.92 5.26 -4.97
CA LEU C 136 -19.39 4.80 -6.26
C LEU C 136 -19.75 5.97 -7.17
N ALA C 137 -20.38 7.02 -6.60
CA ALA C 137 -20.80 8.17 -7.37
C ALA C 137 -19.63 8.93 -7.98
N GLU C 138 -18.48 8.94 -7.27
CA GLU C 138 -17.30 9.63 -7.76
C GLU C 138 -16.85 9.11 -9.13
N VAL C 139 -17.08 7.82 -9.39
CA VAL C 139 -16.63 7.23 -10.65
C VAL C 139 -17.77 6.88 -11.61
N ALA C 140 -19.02 7.08 -11.17
CA ALA C 140 -20.18 6.79 -11.99
C ALA C 140 -20.37 7.82 -13.11
N THR C 141 -20.95 7.36 -14.22
CA THR C 141 -21.31 8.23 -15.34
C THR C 141 -22.75 8.00 -15.76
N GLY C 142 -23.38 9.02 -16.35
CA GLY C 142 -24.68 8.89 -16.98
C GLY C 142 -25.85 8.63 -16.03
N ASP C 143 -26.78 7.77 -16.46
CA ASP C 143 -27.98 7.45 -15.69
C ASP C 143 -27.71 6.68 -14.41
N ASP C 144 -26.78 5.72 -14.47
CA ASP C 144 -26.39 4.97 -13.30
C ASP C 144 -25.97 5.91 -12.15
N LYS C 145 -25.37 7.04 -12.54
CA LYS C 145 -24.90 8.03 -11.58
C LYS C 145 -26.05 8.64 -10.79
N LYS C 146 -27.17 8.95 -11.49
CA LYS C 146 -28.29 9.56 -10.81
C LYS C 146 -28.87 8.64 -9.74
N ARG C 147 -28.98 7.33 -10.06
CA ARG C 147 -29.46 6.35 -9.10
C ARG C 147 -28.54 6.20 -7.89
N ILE C 148 -27.23 6.17 -8.14
CA ILE C 148 -26.26 6.04 -7.07
C ILE C 148 -26.31 7.26 -6.14
N ILE C 149 -26.41 8.44 -6.73
CA ILE C 149 -26.51 9.67 -5.95
C ILE C 149 -27.75 9.65 -5.06
N ASP C 150 -28.88 9.19 -5.62
CA ASP C 150 -30.12 9.10 -4.87
C ASP C 150 -30.00 8.13 -3.70
N SER C 151 -29.29 7.02 -3.93
CA SER C 151 -29.06 6.03 -2.88
C SER C 151 -28.22 6.60 -1.74
N ALA C 152 -27.17 7.35 -2.10
CA ALA C 152 -26.34 8.02 -1.10
C ALA C 152 -27.17 9.02 -0.29
N ARG C 153 -27.92 9.89 -0.98
CA ARG C 153 -28.73 10.88 -0.31
C ARG C 153 -29.72 10.25 0.66
N SER C 154 -30.42 9.19 0.21
CA SER C 154 -31.40 8.51 1.04
C SER C 154 -30.80 7.97 2.34
N ALA C 155 -29.62 7.34 2.21
CA ALA C 155 -28.94 6.78 3.36
C ALA C 155 -28.51 7.88 4.35
N TYR C 156 -27.87 8.93 3.82
CA TYR C 156 -27.47 10.05 4.65
C TYR C 156 -28.66 10.73 5.32
N GLN C 157 -29.76 10.93 4.57
CA GLN C 157 -30.92 11.60 5.13
C GLN C 157 -31.53 10.79 6.29
N GLU C 158 -31.62 9.47 6.12
CA GLU C 158 -32.16 8.62 7.18
C GLU C 158 -31.26 8.69 8.41
N ALA C 159 -29.95 8.65 8.20
CA ALA C 159 -29.00 8.79 9.29
C ALA C 159 -29.16 10.13 10.01
N MET C 160 -29.32 11.21 9.23
CA MET C 160 -29.45 12.54 9.80
C MET C 160 -30.71 12.64 10.67
N ASP C 161 -31.81 12.09 10.15
CA ASP C 161 -33.08 12.12 10.88
C ASP C 161 -33.00 11.44 12.25
N ILE C 162 -32.39 10.26 12.27
CA ILE C 162 -32.20 9.52 13.51
C ILE C 162 -31.27 10.28 14.45
N SER C 163 -30.14 10.77 13.92
CA SER C 163 -29.12 11.40 14.75
C SER C 163 -29.65 12.65 15.45
N LYS C 164 -30.51 13.40 14.78
CA LYS C 164 -31.08 14.61 15.36
C LYS C 164 -32.09 14.31 16.46
N LYS C 165 -32.76 13.16 16.37
CA LYS C 165 -33.72 12.75 17.39
C LYS C 165 -33.08 12.05 18.58
N GLU C 166 -31.93 11.40 18.36
CA GLU C 166 -31.41 10.44 19.29
C GLU C 166 -30.05 10.74 19.92
N MET C 167 -29.29 11.66 19.31
CA MET C 167 -27.91 11.84 19.71
C MET C 167 -27.59 13.32 19.92
N PRO C 168 -26.70 13.65 20.88
CA PRO C 168 -26.31 15.05 21.08
C PRO C 168 -25.56 15.60 19.87
N PRO C 169 -25.61 16.93 19.66
CA PRO C 169 -24.95 17.54 18.51
C PRO C 169 -23.43 17.39 18.48
N THR C 170 -22.81 17.13 19.62
CA THR C 170 -21.37 16.92 19.70
C THR C 170 -20.93 15.46 19.64
N ASN C 171 -21.88 14.53 19.47
CA ASN C 171 -21.54 13.12 19.32
C ASN C 171 -20.65 12.92 18.08
N PRO C 172 -19.50 12.22 18.20
CA PRO C 172 -18.59 12.05 17.06
C PRO C 172 -19.20 11.42 15.81
N ILE C 173 -20.11 10.45 15.98
CA ILE C 173 -20.79 9.84 14.86
C ILE C 173 -21.70 10.87 14.16
N ARG C 174 -22.51 11.59 14.96
CA ARG C 174 -23.39 12.60 14.40
C ARG C 174 -22.57 13.65 13.64
N LEU C 175 -21.44 14.06 14.21
CA LEU C 175 -20.57 15.04 13.57
C LEU C 175 -19.94 14.52 12.27
N GLY C 176 -19.37 13.31 12.32
CA GLY C 176 -18.78 12.70 11.14
C GLY C 176 -19.79 12.55 10.01
N LEU C 177 -21.02 12.14 10.36
CA LEU C 177 -22.11 12.06 9.42
C LEU C 177 -22.42 13.40 8.75
N ALA C 178 -22.59 14.45 9.57
CA ALA C 178 -22.90 15.77 9.03
C ALA C 178 -21.78 16.30 8.12
N LEU C 179 -20.53 16.11 8.55
CA LEU C 179 -19.38 16.46 7.72
C LEU C 179 -19.47 15.78 6.37
N ASN C 180 -19.64 14.45 6.36
CA ASN C 180 -19.66 13.71 5.11
C ASN C 180 -20.86 14.04 4.22
N PHE C 181 -22.02 14.30 4.83
CA PHE C 181 -23.20 14.68 4.05
C PHE C 181 -22.98 16.04 3.41
N SER C 182 -22.32 16.96 4.14
CA SER C 182 -21.99 18.25 3.56
C SER C 182 -21.03 18.10 2.37
N VAL C 183 -20.06 17.19 2.47
CA VAL C 183 -19.16 16.90 1.36
C VAL C 183 -19.93 16.36 0.15
N PHE C 184 -20.86 15.43 0.41
CA PHE C 184 -21.76 14.92 -0.61
C PHE C 184 -22.46 16.06 -1.34
N HIS C 185 -23.04 16.98 -0.58
CA HIS C 185 -23.73 18.11 -1.19
C HIS C 185 -22.80 18.90 -2.12
N TYR C 186 -21.58 19.15 -1.66
CA TYR C 186 -20.70 20.06 -2.37
C TYR C 186 -20.08 19.40 -3.60
N GLU C 187 -19.54 18.19 -3.40
CA GLU C 187 -18.69 17.53 -4.38
C GLU C 187 -19.49 16.64 -5.33
N ILE C 188 -20.63 16.10 -4.87
CA ILE C 188 -21.36 15.11 -5.65
C ILE C 188 -22.67 15.67 -6.22
N ALA C 189 -23.44 16.33 -5.37
CA ALA C 189 -24.79 16.77 -5.72
C ALA C 189 -24.84 18.18 -6.31
N ASN C 190 -23.67 18.82 -6.46
CA ASN C 190 -23.57 20.16 -7.00
C ASN C 190 -24.54 21.12 -6.30
N SER C 191 -24.52 21.06 -4.95
CA SER C 191 -25.41 21.83 -4.11
C SER C 191 -24.61 22.59 -3.05
N PRO C 192 -23.84 23.63 -3.47
CA PRO C 192 -22.94 24.31 -2.54
C PRO C 192 -23.69 25.01 -1.41
N GLU C 193 -24.89 25.52 -1.70
CA GLU C 193 -25.68 26.23 -0.70
C GLU C 193 -26.05 25.31 0.45
N GLU C 194 -26.51 24.10 0.11
CA GLU C 194 -26.87 23.13 1.14
C GLU C 194 -25.63 22.66 1.90
N ALA C 195 -24.51 22.49 1.19
CA ALA C 195 -23.27 22.06 1.84
C ALA C 195 -22.86 23.07 2.90
N ILE C 196 -22.86 24.35 2.52
CA ILE C 196 -22.44 25.42 3.41
C ILE C 196 -23.40 25.56 4.59
N SER C 197 -24.70 25.55 4.30
CA SER C 197 -25.70 25.66 5.35
C SER C 197 -25.59 24.54 6.37
N LEU C 198 -25.48 23.30 5.90
CA LEU C 198 -25.33 22.17 6.82
C LEU C 198 -24.04 22.27 7.63
N ALA C 199 -22.93 22.59 6.98
CA ALA C 199 -21.66 22.68 7.69
C ALA C 199 -21.68 23.76 8.76
N LYS C 200 -22.23 24.93 8.39
CA LYS C 200 -22.34 26.05 9.32
C LYS C 200 -23.23 25.70 10.51
N THR C 201 -24.43 25.15 10.27
CA THR C 201 -25.31 24.78 11.36
C THR C 201 -24.67 23.73 12.27
N THR C 202 -24.05 22.71 11.66
CA THR C 202 -23.40 21.66 12.43
C THR C 202 -22.31 22.22 13.34
N PHE C 203 -21.46 23.07 12.76
CA PHE C 203 -20.36 23.68 13.50
C PHE C 203 -20.88 24.50 14.68
N ASP C 204 -21.85 25.38 14.40
CA ASP C 204 -22.37 26.27 15.43
C ASP C 204 -23.04 25.52 16.57
N GLU C 205 -23.86 24.51 16.25
CA GLU C 205 -24.59 23.76 17.27
C GLU C 205 -23.65 22.88 18.09
N ALA C 206 -22.58 22.38 17.47
CA ALA C 206 -21.56 21.65 18.22
C ALA C 206 -20.81 22.57 19.18
N MET C 207 -20.41 23.75 18.68
CA MET C 207 -19.70 24.73 19.51
C MET C 207 -20.55 25.16 20.71
N ALA C 208 -21.86 25.36 20.48
CA ALA C 208 -22.78 25.77 21.53
C ALA C 208 -22.87 24.76 22.67
N ASP C 209 -22.62 23.48 22.38
CA ASP C 209 -22.71 22.44 23.40
C ASP C 209 -21.36 21.84 23.78
N LEU C 210 -20.28 22.46 23.31
CA LEU C 210 -18.92 21.95 23.52
C LEU C 210 -18.59 21.77 25.00
N HIS C 211 -19.13 22.65 25.84
CA HIS C 211 -18.87 22.60 27.28
C HIS C 211 -19.41 21.33 27.96
N THR C 212 -20.28 20.58 27.26
CA THR C 212 -20.85 19.35 27.78
C THR C 212 -20.14 18.09 27.31
N LEU C 213 -19.18 18.23 26.37
CA LEU C 213 -18.49 17.09 25.79
C LEU C 213 -17.62 16.34 26.79
N SER C 214 -17.77 15.01 26.84
CA SER C 214 -16.92 14.17 27.69
C SER C 214 -15.51 14.18 27.10
N GLU C 215 -14.51 14.08 27.98
CA GLU C 215 -13.12 14.17 27.53
C GLU C 215 -12.78 12.99 26.61
N ASP C 216 -13.43 11.84 26.84
CA ASP C 216 -13.30 10.65 26.03
C ASP C 216 -13.48 10.87 24.53
N SER C 217 -14.42 11.76 24.15
CA SER C 217 -14.71 11.98 22.75
C SER C 217 -14.34 13.40 22.29
N TYR C 218 -13.75 14.18 23.21
CA TYR C 218 -13.39 15.56 22.93
C TYR C 218 -12.45 15.69 21.72
N LYS C 219 -11.39 14.89 21.70
CA LYS C 219 -10.45 14.89 20.59
C LYS C 219 -11.13 14.70 19.24
N ASP C 220 -11.92 13.63 19.14
CA ASP C 220 -12.55 13.27 17.87
C ASP C 220 -13.55 14.33 17.41
N SER C 221 -14.40 14.80 18.32
CA SER C 221 -15.39 15.78 17.97
C SER C 221 -14.80 17.13 17.55
N THR C 222 -13.74 17.57 18.24
CA THR C 222 -13.09 18.82 17.90
C THR C 222 -12.36 18.72 16.57
N LEU C 223 -11.85 17.54 16.23
CA LEU C 223 -11.20 17.33 14.95
C LEU C 223 -12.22 17.49 13.80
N ILE C 224 -13.41 16.92 13.96
CA ILE C 224 -14.44 17.05 12.95
C ILE C 224 -14.87 18.51 12.82
N MET C 225 -15.00 19.20 13.96
CA MET C 225 -15.36 20.62 13.92
C MET C 225 -14.32 21.44 13.15
N GLN C 226 -13.04 21.11 13.30
CA GLN C 226 -11.98 21.76 12.54
C GLN C 226 -12.12 21.51 11.04
N LEU C 227 -12.49 20.29 10.65
CA LEU C 227 -12.66 19.97 9.24
C LEU C 227 -13.88 20.68 8.65
N LEU C 228 -14.95 20.83 9.45
CA LEU C 228 -16.08 21.65 9.05
C LEU C 228 -15.63 23.09 8.78
N ARG C 229 -14.83 23.64 9.69
CA ARG C 229 -14.28 24.98 9.53
C ARG C 229 -13.42 25.09 8.29
N ASP C 230 -12.53 24.11 8.07
CA ASP C 230 -11.64 24.11 6.91
C ASP C 230 -12.42 24.07 5.60
N ASN C 231 -13.43 23.20 5.54
CA ASN C 231 -14.30 23.14 4.37
C ASN C 231 -15.04 24.45 4.13
N LEU C 232 -15.58 25.04 5.21
CA LEU C 232 -16.28 26.31 5.09
C LEU C 232 -15.36 27.39 4.51
N THR C 233 -14.09 27.42 4.95
CA THR C 233 -13.12 28.37 4.43
C THR C 233 -12.84 28.12 2.94
N LEU C 234 -12.71 26.84 2.56
CA LEU C 234 -12.51 26.45 1.18
C LEU C 234 -13.70 26.79 0.28
N TRP C 235 -14.92 26.66 0.81
CA TRP C 235 -16.14 26.82 0.02
C TRP C 235 -16.63 28.26 -0.08
N THR C 236 -16.07 29.16 0.73
CA THR C 236 -16.47 30.56 0.74
C THR C 236 -15.28 31.47 0.47
N ASP D 1 -7.73 19.86 -4.88
CA ASP D 1 -8.09 20.80 -3.81
C ASP D 1 -9.47 20.45 -3.25
N ARG D 2 -9.63 19.20 -2.83
CA ARG D 2 -10.92 18.62 -2.54
C ARG D 2 -11.34 18.87 -1.10
N SER D 3 -12.65 18.81 -0.85
CA SER D 3 -13.20 18.89 0.48
C SER D 3 -12.67 17.77 1.37
N SER D 4 -12.61 18.02 2.68
CA SER D 4 -12.19 17.01 3.65
C SER D 4 -13.40 16.26 4.18
N ALA D 6 -14.49 12.83 6.92
CA ALA D 6 -14.06 12.34 8.22
C ALA D 6 -12.85 11.42 8.06
N PRO D 7 -11.78 11.56 8.90
CA PRO D 7 -10.61 10.70 8.77
C PRO D 7 -10.73 9.36 9.51
N ASN D 8 -9.71 8.50 9.37
CA ASN D 8 -9.52 7.36 10.24
C ASN D 8 -9.00 7.79 11.61
N VAL D 9 -9.49 7.15 12.67
CA VAL D 9 -8.92 7.35 13.99
C VAL D 9 -8.76 6.00 14.68
N HIS D 10 -7.68 5.86 15.46
CA HIS D 10 -7.54 4.83 16.48
C HIS D 10 -7.50 3.38 15.93
#